data_4MKZ
#
_entry.id   4MKZ
#
_cell.length_a   43.450
_cell.length_b   121.650
_cell.length_c   130.940
_cell.angle_alpha   90.000
_cell.angle_beta   90.000
_cell.angle_gamma   90.000
#
_symmetry.space_group_name_H-M   'I 2 2 2'
#
loop_
_entity.id
_entity.type
_entity.pdbx_description
1 polymer 'Inositol dehydrogenase'
2 non-polymer 'CITRIC ACID'
3 water water
#
_entity_poly.entity_id   1
_entity_poly.type   'polypeptide(L)'
_entity_poly.pdbx_seq_one_letter_code
;MRGSHHHHHHGSMTQKTIKIGIVGLGRLGKIHATNIATKIQHAKLQAATSVVPAELDWAKKELGVEEVFEDFDDMVQHAD
IDAVFIVSPSGFHLQQIESALNAGKHVFSEKPIGLDIEAIEHTQQVIAQHANLKFQLGFMRRFDDSYRYAKQLVDQGKIG
DITLIRSYSIDPAAGMASFVKFATSANSGGLFLDMSIHDIDVIRWFTGKEIDKVWAIGLNRAYPVLDKAGELETGAALMQ
LEDKTMAILVAGRNAAHGYHVETEIIGTKGMLRIAQVPEKNLVTVMNEEGIIRPTSQNFPERFAQAFLSEEQAFVNSILN
NQDVGITAEDGLQGTKAALALQEAFEKNDIVQVAS
;
_entity_poly.pdbx_strand_id   A
#
# COMPACT_ATOMS: atom_id res chain seq x y z
N MET A 13 -25.93 9.85 -22.17
CA MET A 13 -25.16 8.69 -22.61
C MET A 13 -24.61 7.93 -21.41
N THR A 14 -24.61 6.60 -21.52
CA THR A 14 -24.22 5.69 -20.44
C THR A 14 -22.95 6.06 -19.66
N GLN A 15 -22.98 5.75 -18.37
CA GLN A 15 -21.82 5.89 -17.48
C GLN A 15 -21.14 7.26 -17.51
N LYS A 16 -21.53 8.09 -16.56
CA LYS A 16 -21.11 9.49 -16.52
C LYS A 16 -19.78 9.67 -15.80
N THR A 17 -19.72 10.65 -14.92
CA THR A 17 -18.49 11.02 -14.24
C THR A 17 -18.59 10.77 -12.73
N ILE A 18 -17.61 10.06 -12.18
CA ILE A 18 -17.54 9.83 -10.74
C ILE A 18 -16.86 11.03 -10.09
N LYS A 19 -17.57 11.76 -9.24
CA LYS A 19 -16.98 12.89 -8.54
C LYS A 19 -16.36 12.41 -7.24
N ILE A 20 -15.09 12.75 -7.04
CA ILE A 20 -14.33 12.22 -5.91
C ILE A 20 -13.91 13.33 -4.96
N GLY A 21 -13.99 13.06 -3.66
CA GLY A 21 -13.40 13.94 -2.67
C GLY A 21 -12.23 13.24 -2.03
N ILE A 22 -11.11 13.95 -1.88
CA ILE A 22 -9.90 13.36 -1.31
C ILE A 22 -9.62 13.97 0.05
N VAL A 23 -9.08 13.16 0.96
CA VAL A 23 -8.55 13.67 2.21
C VAL A 23 -7.11 13.20 2.33
N GLY A 24 -6.24 14.11 2.74
CA GLY A 24 -4.83 13.80 2.85
C GLY A 24 -4.14 14.30 1.59
N LEU A 25 -3.34 15.35 1.74
CA LEU A 25 -2.62 15.90 0.60
C LEU A 25 -1.12 15.95 0.90
N GLY A 26 -0.62 14.94 1.60
CA GLY A 26 0.80 14.69 1.68
C GLY A 26 1.34 14.25 0.33
N ARG A 27 2.52 13.65 0.32
CA ARG A 27 3.14 13.30 -0.95
C ARG A 27 2.26 12.36 -1.76
N LEU A 28 1.81 11.28 -1.11
CA LEU A 28 0.98 10.29 -1.79
C LEU A 28 -0.40 10.84 -2.14
N GLY A 29 -1.00 11.59 -1.22
CA GLY A 29 -2.28 12.23 -1.49
C GLY A 29 -2.25 13.12 -2.72
N LYS A 30 -1.17 13.88 -2.88
CA LYS A 30 -1.02 14.77 -4.03
C LYS A 30 -0.86 13.99 -5.33
N ILE A 31 -0.19 12.84 -5.27
CA ILE A 31 -0.14 11.95 -6.43
C ILE A 31 -1.53 11.47 -6.85
N HIS A 32 -2.30 10.93 -5.91
CA HIS A 32 -3.66 10.47 -6.22
C HIS A 32 -4.51 11.62 -6.74
N ALA A 33 -4.41 12.77 -6.06
CA ALA A 33 -5.20 13.95 -6.43
C ALA A 33 -4.89 14.38 -7.86
N THR A 34 -3.60 14.51 -8.16
CA THR A 34 -3.15 14.92 -9.49
C THR A 34 -3.62 13.92 -10.55
N ASN A 35 -3.48 12.63 -10.25
CA ASN A 35 -3.93 11.59 -11.15
C ASN A 35 -5.43 11.62 -11.42
N ILE A 36 -6.23 11.72 -10.36
CA ILE A 36 -7.68 11.73 -10.51
C ILE A 36 -8.11 12.94 -11.35
N ALA A 37 -7.50 14.08 -11.09
CA ALA A 37 -7.87 15.34 -11.75
C ALA A 37 -7.50 15.38 -13.23
N THR A 38 -6.36 14.77 -13.58
CA THR A 38 -5.76 14.97 -14.90
C THR A 38 -5.57 13.73 -15.78
N LYS A 39 -5.70 12.53 -15.23
CA LYS A 39 -5.40 11.33 -16.00
C LYS A 39 -6.52 10.31 -16.05
N ILE A 40 -7.29 10.23 -14.96
CA ILE A 40 -8.23 9.14 -14.81
C ILE A 40 -9.48 9.42 -15.61
N GLN A 41 -9.92 8.42 -16.37
CA GLN A 41 -11.12 8.59 -17.19
C GLN A 41 -12.36 8.55 -16.32
N HIS A 42 -13.37 9.31 -16.72
CA HIS A 42 -14.68 9.30 -16.08
C HIS A 42 -14.61 9.68 -14.61
N ALA A 43 -13.70 10.58 -14.27
CA ALA A 43 -13.52 11.02 -12.90
C ALA A 43 -13.28 12.52 -12.82
N LYS A 44 -13.72 13.11 -11.72
CA LYS A 44 -13.48 14.50 -11.45
C LYS A 44 -13.03 14.63 -10.01
N LEU A 45 -11.94 15.36 -9.78
CA LEU A 45 -11.57 15.68 -8.40
C LEU A 45 -12.38 16.89 -7.97
N GLN A 46 -13.49 16.62 -7.29
CA GLN A 46 -14.49 17.62 -6.94
C GLN A 46 -14.17 18.33 -5.63
N ALA A 47 -13.68 17.57 -4.67
CA ALA A 47 -13.48 18.10 -3.32
C ALA A 47 -12.18 17.64 -2.70
N ALA A 48 -11.64 18.42 -1.78
CA ALA A 48 -10.45 18.04 -1.03
C ALA A 48 -10.60 18.48 0.42
N THR A 49 -10.11 17.65 1.34
CA THR A 49 -10.10 17.98 2.77
C THR A 49 -8.65 17.97 3.28
N SER A 50 -8.28 19.02 4.02
CA SER A 50 -6.98 19.02 4.71
C SER A 50 -6.99 20.06 5.83
N VAL A 51 -6.20 19.79 6.87
CA VAL A 51 -6.06 20.69 8.01
C VAL A 51 -4.90 21.65 7.76
N VAL A 52 -4.24 21.48 6.61
CA VAL A 52 -3.19 22.39 6.19
C VAL A 52 -3.73 23.28 5.07
N PRO A 53 -3.93 24.58 5.36
CA PRO A 53 -4.49 25.55 4.41
C PRO A 53 -3.73 25.63 3.08
N ALA A 54 -2.41 25.58 3.13
CA ALA A 54 -1.58 25.64 1.93
C ALA A 54 -1.91 24.49 0.97
N GLU A 55 -2.21 23.33 1.54
CA GLU A 55 -2.60 22.16 0.76
C GLU A 55 -3.93 22.40 0.03
N LEU A 56 -4.85 23.12 0.67
CA LEU A 56 -6.13 23.42 0.04
C LEU A 56 -6.01 24.46 -1.08
N ASP A 57 -5.09 25.42 -0.91
CA ASP A 57 -4.83 26.40 -1.96
C ASP A 57 -4.19 25.71 -3.15
N TRP A 58 -3.29 24.77 -2.87
CA TRP A 58 -2.68 23.94 -3.90
C TRP A 58 -3.76 23.20 -4.70
N ALA A 59 -4.67 22.52 -4.00
CA ALA A 59 -5.75 21.79 -4.64
C ALA A 59 -6.58 22.69 -5.57
N LYS A 60 -6.88 23.90 -5.11
CA LYS A 60 -7.63 24.87 -5.89
C LYS A 60 -6.85 25.41 -7.09
N LYS A 61 -5.60 25.81 -6.84
CA LYS A 61 -4.79 26.46 -7.88
C LYS A 61 -4.25 25.49 -8.91
N GLU A 62 -3.69 24.38 -8.45
CA GLU A 62 -3.07 23.41 -9.34
C GLU A 62 -4.07 22.52 -10.04
N LEU A 63 -5.12 22.11 -9.32
CA LEU A 63 -6.03 21.10 -9.84
C LEU A 63 -7.45 21.61 -10.07
N GLY A 64 -7.71 22.84 -9.67
CA GLY A 64 -9.02 23.44 -9.86
C GLY A 64 -10.12 22.74 -9.07
N VAL A 65 -9.78 22.26 -7.89
CA VAL A 65 -10.77 21.63 -7.04
C VAL A 65 -11.80 22.68 -6.60
N GLU A 66 -13.07 22.35 -6.76
CA GLU A 66 -14.15 23.31 -6.51
C GLU A 66 -14.52 23.48 -5.04
N GLU A 67 -14.49 22.39 -4.27
CA GLU A 67 -14.94 22.44 -2.89
C GLU A 67 -13.83 22.04 -1.93
N VAL A 68 -13.41 22.94 -1.06
CA VAL A 68 -12.40 22.59 -0.07
C VAL A 68 -13.00 22.54 1.33
N PHE A 69 -12.46 21.64 2.15
CA PHE A 69 -12.98 21.43 3.50
C PHE A 69 -11.82 21.30 4.48
N GLU A 70 -12.06 21.73 5.71
CA GLU A 70 -11.08 21.56 6.78
C GLU A 70 -11.39 20.28 7.54
N ASP A 71 -12.60 19.76 7.34
CA ASP A 71 -13.09 18.61 8.10
C ASP A 71 -13.68 17.54 7.19
N PHE A 72 -13.27 16.29 7.39
CA PHE A 72 -13.72 15.19 6.54
C PHE A 72 -15.22 14.95 6.57
N ASP A 73 -15.83 14.99 7.75
CA ASP A 73 -17.25 14.75 7.85
C ASP A 73 -18.03 15.85 7.13
N ASP A 74 -17.51 17.07 7.18
CA ASP A 74 -18.11 18.19 6.47
C ASP A 74 -18.08 17.91 4.97
N MET A 75 -16.97 17.38 4.48
CA MET A 75 -16.86 17.08 3.05
C MET A 75 -17.85 16.01 2.65
N VAL A 76 -17.91 14.92 3.40
CA VAL A 76 -18.75 13.80 3.00
C VAL A 76 -20.25 14.11 3.17
N GLN A 77 -20.57 14.98 4.11
CA GLN A 77 -21.96 15.40 4.30
C GLN A 77 -22.44 16.36 3.23
N HIS A 78 -21.55 17.22 2.75
CA HIS A 78 -21.99 18.38 1.96
C HIS A 78 -21.44 18.46 0.52
N ALA A 79 -20.28 17.88 0.25
CA ALA A 79 -19.71 17.98 -1.10
C ALA A 79 -20.49 17.21 -2.15
N ASP A 80 -20.43 17.68 -3.38
CA ASP A 80 -21.10 17.01 -4.49
C ASP A 80 -20.21 15.87 -4.98
N ILE A 81 -20.10 14.81 -4.18
CA ILE A 81 -19.22 13.70 -4.51
C ILE A 81 -19.91 12.34 -4.43
N ASP A 82 -19.41 11.38 -5.20
CA ASP A 82 -19.94 10.01 -5.24
C ASP A 82 -19.05 9.07 -4.43
N ALA A 83 -17.81 9.49 -4.25
CA ALA A 83 -16.77 8.60 -3.70
C ALA A 83 -15.71 9.41 -2.99
N VAL A 84 -14.92 8.72 -2.16
CA VAL A 84 -13.80 9.36 -1.48
C VAL A 84 -12.51 8.60 -1.69
N PHE A 85 -11.39 9.34 -1.63
CA PHE A 85 -10.07 8.72 -1.56
C PHE A 85 -9.50 9.11 -0.21
N ILE A 86 -9.22 8.11 0.62
CA ILE A 86 -8.73 8.37 1.97
C ILE A 86 -7.21 8.17 2.00
N VAL A 87 -6.48 9.28 2.13
CA VAL A 87 -5.03 9.27 2.11
C VAL A 87 -4.50 10.05 3.32
N SER A 88 -5.25 9.98 4.42
CA SER A 88 -4.87 10.61 5.68
C SER A 88 -3.90 9.72 6.45
N PRO A 89 -3.37 10.22 7.58
CA PRO A 89 -2.53 9.32 8.39
C PRO A 89 -3.33 8.09 8.84
N SER A 90 -2.63 6.98 9.10
CA SER A 90 -3.27 5.68 9.28
C SER A 90 -4.28 5.63 10.43
N GLY A 91 -4.04 6.43 11.46
CA GLY A 91 -4.94 6.46 12.61
C GLY A 91 -6.32 7.02 12.31
N PHE A 92 -6.49 7.60 11.12
CA PHE A 92 -7.76 8.22 10.74
C PHE A 92 -8.55 7.40 9.74
N HIS A 93 -7.92 6.36 9.18
CA HIS A 93 -8.55 5.60 8.10
C HIS A 93 -9.89 5.00 8.49
N LEU A 94 -9.93 4.30 9.62
CA LEU A 94 -11.15 3.60 10.02
C LEU A 94 -12.35 4.54 10.21
N GLN A 95 -12.14 5.63 10.93
CA GLN A 95 -13.24 6.55 11.23
C GLN A 95 -13.71 7.23 9.95
N GLN A 96 -12.78 7.45 9.01
CA GLN A 96 -13.13 8.13 7.77
C GLN A 96 -13.83 7.16 6.82
N ILE A 97 -13.38 5.92 6.80
CA ILE A 97 -14.07 4.86 6.07
C ILE A 97 -15.54 4.74 6.52
N GLU A 98 -15.76 4.61 7.83
CA GLU A 98 -17.12 4.48 8.36
C GLU A 98 -17.99 5.68 8.02
N SER A 99 -17.46 6.89 8.23
CA SER A 99 -18.20 8.12 7.91
C SER A 99 -18.59 8.19 6.45
N ALA A 100 -17.66 7.86 5.56
CA ALA A 100 -17.95 7.96 4.14
C ALA A 100 -19.03 6.95 3.74
N LEU A 101 -18.95 5.74 4.28
CA LEU A 101 -19.91 4.71 3.92
C LEU A 101 -21.29 5.05 4.47
N ASN A 102 -21.32 5.59 5.68
CA ASN A 102 -22.58 6.00 6.29
C ASN A 102 -23.23 7.17 5.55
N ALA A 103 -22.43 7.91 4.78
CA ALA A 103 -22.95 9.01 3.99
C ALA A 103 -23.19 8.61 2.55
N GLY A 104 -23.10 7.31 2.29
CA GLY A 104 -23.45 6.77 0.99
C GLY A 104 -22.37 6.94 -0.05
N LYS A 105 -21.12 7.06 0.37
CA LYS A 105 -20.02 7.24 -0.59
C LYS A 105 -19.21 5.98 -0.77
N HIS A 106 -18.83 5.71 -2.01
CA HIS A 106 -17.88 4.64 -2.31
C HIS A 106 -16.54 5.04 -1.72
N VAL A 107 -15.74 4.06 -1.32
CA VAL A 107 -14.51 4.33 -0.58
C VAL A 107 -13.27 3.64 -1.15
N PHE A 108 -12.27 4.45 -1.51
CA PHE A 108 -10.92 3.96 -1.67
C PHE A 108 -10.14 4.41 -0.43
N SER A 109 -9.45 3.47 0.22
CA SER A 109 -8.62 3.84 1.35
C SER A 109 -7.20 3.36 1.13
N GLU A 110 -6.24 4.21 1.43
CA GLU A 110 -4.87 3.72 1.49
C GLU A 110 -4.71 2.69 2.60
N LYS A 111 -3.71 1.84 2.43
CA LYS A 111 -3.28 0.98 3.52
C LYS A 111 -2.58 1.83 4.59
N PRO A 112 -2.48 1.29 5.81
CA PRO A 112 -3.14 0.09 6.31
C PRO A 112 -4.60 0.44 6.53
N ILE A 113 -5.48 -0.55 6.63
CA ILE A 113 -6.88 -0.22 6.90
C ILE A 113 -7.03 0.49 8.23
N GLY A 114 -6.25 0.08 9.22
CA GLY A 114 -6.30 0.65 10.56
C GLY A 114 -5.16 0.03 11.34
N LEU A 115 -5.07 0.37 12.62
CA LEU A 115 -3.92 -0.02 13.44
C LEU A 115 -4.31 -0.95 14.58
N ASP A 116 -5.57 -0.86 14.99
CA ASP A 116 -6.09 -1.64 16.12
C ASP A 116 -7.03 -2.73 15.62
N ILE A 117 -6.75 -3.98 15.98
CA ILE A 117 -7.53 -5.11 15.49
C ILE A 117 -9.03 -4.99 15.84
N GLU A 118 -9.33 -4.60 17.08
CA GLU A 118 -10.71 -4.47 17.51
C GLU A 118 -11.42 -3.38 16.71
N ALA A 119 -10.75 -2.24 16.56
CA ALA A 119 -11.29 -1.13 15.78
C ALA A 119 -11.50 -1.52 14.32
N ILE A 120 -10.54 -2.26 13.76
CA ILE A 120 -10.68 -2.76 12.40
C ILE A 120 -11.92 -3.64 12.24
N GLU A 121 -12.16 -4.53 13.20
CA GLU A 121 -13.33 -5.40 13.14
C GLU A 121 -14.63 -4.61 13.20
N HIS A 122 -14.65 -3.52 13.96
CA HIS A 122 -15.81 -2.62 13.97
C HIS A 122 -16.06 -2.09 12.57
N THR A 123 -14.98 -1.72 11.87
CA THR A 123 -15.12 -1.18 10.52
C THR A 123 -15.53 -2.26 9.52
N GLN A 124 -15.02 -3.48 9.67
CA GLN A 124 -15.44 -4.59 8.83
C GLN A 124 -16.95 -4.77 8.87
N GLN A 125 -17.53 -4.60 10.06
CA GLN A 125 -18.98 -4.70 10.22
C GLN A 125 -19.71 -3.58 9.45
N VAL A 126 -19.21 -2.36 9.58
CA VAL A 126 -19.81 -1.22 8.87
C VAL A 126 -19.76 -1.46 7.36
N ILE A 127 -18.62 -1.97 6.89
CA ILE A 127 -18.46 -2.27 5.47
C ILE A 127 -19.47 -3.33 5.01
N ALA A 128 -19.68 -4.36 5.82
CA ALA A 128 -20.60 -5.44 5.50
C ALA A 128 -22.04 -4.93 5.41
N GLN A 129 -22.31 -3.84 6.12
CA GLN A 129 -23.64 -3.23 6.13
C GLN A 129 -23.88 -2.26 4.98
N HIS A 130 -22.85 -2.07 4.17
CA HIS A 130 -22.94 -1.21 2.99
C HIS A 130 -22.40 -1.95 1.77
N ALA A 131 -22.95 -3.13 1.50
CA ALA A 131 -22.42 -4.00 0.45
C ALA A 131 -22.61 -3.43 -0.96
N ASN A 132 -23.57 -2.52 -1.09
CA ASN A 132 -23.84 -1.86 -2.37
C ASN A 132 -22.77 -0.82 -2.72
N LEU A 133 -21.97 -0.45 -1.73
CA LEU A 133 -20.92 0.56 -1.94
C LEU A 133 -19.59 -0.14 -2.11
N LYS A 134 -18.78 0.39 -3.03
CA LYS A 134 -17.45 -0.16 -3.26
C LYS A 134 -16.50 0.20 -2.13
N PHE A 135 -15.67 -0.78 -1.74
CA PHE A 135 -14.60 -0.52 -0.79
C PHE A 135 -13.32 -1.15 -1.31
N GLN A 136 -12.29 -0.35 -1.47
CA GLN A 136 -11.04 -0.84 -2.05
C GLN A 136 -9.86 -0.31 -1.25
N LEU A 137 -8.93 -1.19 -0.89
CA LEU A 137 -7.70 -0.80 -0.19
C LEU A 137 -6.55 -0.63 -1.18
N GLY A 138 -5.69 0.35 -0.92
CA GLY A 138 -4.63 0.71 -1.85
C GLY A 138 -3.42 -0.19 -1.88
N PHE A 139 -3.64 -1.51 -2.01
CA PHE A 139 -2.53 -2.42 -2.24
C PHE A 139 -2.15 -2.37 -3.71
N MET A 140 -1.44 -1.31 -4.10
CA MET A 140 -1.22 -1.00 -5.50
C MET A 140 -0.36 -2.03 -6.23
N ARG A 141 0.44 -2.81 -5.50
CA ARG A 141 1.27 -3.79 -6.16
C ARG A 141 0.45 -4.81 -6.94
N ARG A 142 -0.79 -5.04 -6.51
CA ARG A 142 -1.68 -5.92 -7.26
C ARG A 142 -2.01 -5.40 -8.64
N PHE A 143 -1.82 -4.10 -8.84
CA PHE A 143 -2.07 -3.48 -10.15
C PHE A 143 -0.83 -3.22 -10.98
N ASP A 144 0.34 -3.50 -10.41
CA ASP A 144 1.60 -3.27 -11.11
C ASP A 144 1.78 -4.29 -12.23
N ASP A 145 2.19 -3.85 -13.41
CA ASP A 145 2.32 -4.75 -14.56
C ASP A 145 3.25 -5.93 -14.32
N SER A 146 4.36 -5.70 -13.64
CA SER A 146 5.31 -6.79 -13.40
C SER A 146 4.75 -7.81 -12.40
N TYR A 147 4.16 -7.33 -11.32
CA TYR A 147 3.50 -8.21 -10.35
C TYR A 147 2.38 -9.02 -11.01
N ARG A 148 1.59 -8.35 -11.85
CA ARG A 148 0.51 -9.02 -12.56
C ARG A 148 1.02 -10.08 -13.53
N TYR A 149 2.13 -9.81 -14.20
CA TYR A 149 2.75 -10.79 -15.10
C TYR A 149 3.16 -12.04 -14.34
N ALA A 150 3.82 -11.85 -13.20
CA ALA A 150 4.24 -12.96 -12.35
C ALA A 150 3.04 -13.73 -11.82
N LYS A 151 1.99 -12.99 -11.44
CA LYS A 151 0.78 -13.59 -10.89
C LYS A 151 0.17 -14.50 -11.94
N GLN A 152 0.19 -14.04 -13.18
CA GLN A 152 -0.34 -14.81 -14.29
C GLN A 152 0.44 -16.11 -14.47
N LEU A 153 1.77 -16.03 -14.47
CA LEU A 153 2.60 -17.24 -14.54
C LEU A 153 2.25 -18.22 -13.41
N VAL A 154 2.13 -17.70 -12.20
CA VAL A 154 1.78 -18.53 -11.06
C VAL A 154 0.40 -19.16 -11.24
N ASP A 155 -0.58 -18.35 -11.63
CA ASP A 155 -1.95 -18.82 -11.84
C ASP A 155 -2.04 -19.90 -12.92
N GLN A 156 -1.19 -19.78 -13.94
CA GLN A 156 -1.16 -20.73 -15.04
C GLN A 156 -0.43 -22.01 -14.67
N GLY A 157 0.13 -22.07 -13.46
CA GLY A 157 0.83 -23.26 -12.98
C GLY A 157 2.28 -23.38 -13.41
N LYS A 158 2.84 -22.31 -13.97
CA LYS A 158 4.17 -22.36 -14.59
C LYS A 158 5.33 -22.61 -13.63
N ILE A 159 5.19 -22.26 -12.34
CA ILE A 159 6.25 -22.60 -11.38
C ILE A 159 5.77 -23.62 -10.36
N GLY A 160 4.58 -24.17 -10.58
CA GLY A 160 4.04 -25.18 -9.70
C GLY A 160 3.57 -24.56 -8.41
N ASP A 161 3.54 -25.33 -7.34
CA ASP A 161 3.13 -24.77 -6.06
C ASP A 161 4.25 -23.94 -5.49
N ILE A 162 3.88 -22.86 -4.81
CA ILE A 162 4.85 -21.97 -4.20
C ILE A 162 5.41 -22.58 -2.92
N THR A 163 6.74 -22.67 -2.82
CA THR A 163 7.38 -23.18 -1.62
C THR A 163 7.92 -22.06 -0.74
N LEU A 164 8.35 -20.97 -1.36
CA LEU A 164 8.91 -19.87 -0.58
C LEU A 164 8.73 -18.56 -1.32
N ILE A 165 8.41 -17.51 -0.55
CA ILE A 165 8.40 -16.17 -1.11
C ILE A 165 9.34 -15.30 -0.29
N ARG A 166 10.24 -14.58 -0.97
CA ARG A 166 11.11 -13.63 -0.30
C ARG A 166 10.75 -12.25 -0.84
N SER A 167 10.48 -11.31 0.06
CA SER A 167 10.11 -9.99 -0.39
C SER A 167 10.86 -8.92 0.39
N TYR A 168 11.40 -7.95 -0.34
CA TYR A 168 12.22 -6.90 0.24
C TYR A 168 11.53 -5.59 -0.06
N SER A 169 11.44 -4.72 0.94
CA SER A 169 11.00 -3.34 0.74
C SER A 169 11.98 -2.44 1.49
N ILE A 170 12.86 -1.78 0.74
CA ILE A 170 13.91 -0.96 1.36
C ILE A 170 13.86 0.46 0.79
N ASP A 171 13.57 1.42 1.66
CA ASP A 171 13.46 2.82 1.24
C ASP A 171 14.83 3.40 1.02
N PRO A 172 14.94 4.40 0.16
CA PRO A 172 16.24 5.00 -0.16
C PRO A 172 16.84 5.74 1.03
N ALA A 173 18.18 5.68 1.13
CA ALA A 173 18.92 6.38 2.18
C ALA A 173 18.62 7.88 2.18
N ALA A 174 18.19 8.40 1.03
CA ALA A 174 17.77 9.80 0.91
C ALA A 174 16.69 10.23 1.90
N GLY A 175 15.94 9.28 2.44
CA GLY A 175 14.86 9.59 3.35
C GLY A 175 15.19 9.45 4.82
N MET A 176 16.38 8.92 5.12
CA MET A 176 16.78 8.65 6.51
C MET A 176 16.82 9.89 7.40
N ALA A 177 17.35 10.99 6.88
CA ALA A 177 17.54 12.20 7.68
C ALA A 177 16.23 12.76 8.20
N SER A 178 15.21 12.78 7.34
CA SER A 178 13.88 13.21 7.74
C SER A 178 13.23 12.18 8.65
N PHE A 179 13.47 10.90 8.36
CA PHE A 179 12.88 9.86 9.18
C PHE A 179 13.41 9.88 10.60
N VAL A 180 14.70 10.16 10.75
CA VAL A 180 15.28 10.41 12.07
C VAL A 180 14.71 11.70 12.66
N SER A 188 4.87 6.58 13.53
CA SER A 188 5.42 5.71 12.51
C SER A 188 4.84 4.29 12.56
N GLY A 189 4.55 3.81 13.76
CA GLY A 189 3.89 2.52 13.91
C GLY A 189 4.80 1.32 13.76
N GLY A 190 6.08 1.56 13.47
CA GLY A 190 7.06 0.49 13.38
C GLY A 190 7.52 0.16 11.98
N LEU A 191 8.70 -0.43 11.87
CA LEU A 191 9.28 -0.74 10.56
C LEU A 191 8.43 -1.67 9.72
N PHE A 192 7.87 -2.71 10.34
CA PHE A 192 7.14 -3.73 9.59
C PHE A 192 5.74 -3.27 9.17
N LEU A 193 5.11 -2.45 9.99
CA LEU A 193 3.85 -1.86 9.58
C LEU A 193 4.10 -0.87 8.43
N ASP A 194 5.16 -0.09 8.53
CA ASP A 194 5.45 0.92 7.52
C ASP A 194 5.88 0.35 6.19
N MET A 195 6.80 -0.60 6.24
CA MET A 195 7.48 -1.08 5.03
C MET A 195 6.97 -2.40 4.50
N SER A 196 6.44 -3.24 5.39
CA SER A 196 6.19 -4.63 5.03
C SER A 196 4.75 -4.98 4.71
N ILE A 197 3.80 -4.06 4.94
CA ILE A 197 2.40 -4.42 4.73
C ILE A 197 2.10 -4.81 3.29
N HIS A 198 2.72 -4.14 2.31
CA HIS A 198 2.54 -4.56 0.93
C HIS A 198 3.09 -5.95 0.66
N ASP A 199 4.19 -6.28 1.33
CA ASP A 199 4.81 -7.58 1.14
C ASP A 199 3.93 -8.69 1.70
N ILE A 200 3.40 -8.46 2.90
CA ILE A 200 2.44 -9.38 3.49
C ILE A 200 1.28 -9.62 2.55
N ASP A 201 0.71 -8.55 2.00
CA ASP A 201 -0.41 -8.69 1.07
C ASP A 201 -0.03 -9.45 -0.20
N VAL A 202 1.17 -9.19 -0.72
CA VAL A 202 1.65 -9.90 -1.89
C VAL A 202 1.74 -11.40 -1.61
N ILE A 203 2.24 -11.75 -0.42
CA ILE A 203 2.37 -13.16 -0.04
C ILE A 203 0.99 -13.83 0.01
N ARG A 204 0.03 -13.17 0.65
CA ARG A 204 -1.33 -13.69 0.71
C ARG A 204 -1.96 -13.78 -0.67
N TRP A 205 -1.75 -12.75 -1.49
CA TRP A 205 -2.32 -12.70 -2.82
C TRP A 205 -1.83 -13.85 -3.70
N PHE A 206 -0.50 -14.03 -3.77
CA PHE A 206 0.08 -15.07 -4.63
C PHE A 206 -0.22 -16.48 -4.17
N THR A 207 -0.21 -16.69 -2.85
CA THR A 207 -0.37 -18.04 -2.29
C THR A 207 -1.83 -18.43 -2.09
N GLY A 208 -2.65 -17.49 -1.63
CA GLY A 208 -4.01 -17.79 -1.22
C GLY A 208 -4.00 -18.37 0.18
N LYS A 209 -2.83 -18.37 0.81
CA LYS A 209 -2.64 -18.98 2.11
C LYS A 209 -2.44 -17.90 3.17
N GLU A 210 -2.57 -18.27 4.44
CA GLU A 210 -2.38 -17.36 5.57
C GLU A 210 -1.05 -17.62 6.28
N ILE A 211 -0.59 -16.64 7.08
CA ILE A 211 0.69 -16.74 7.80
C ILE A 211 0.43 -17.22 9.21
N ASP A 212 1.18 -18.24 9.65
CA ASP A 212 0.92 -18.84 10.95
C ASP A 212 1.77 -18.26 12.07
N LYS A 213 3.09 -18.34 11.95
CA LYS A 213 3.93 -17.74 12.97
C LYS A 213 5.17 -17.09 12.37
N VAL A 214 5.73 -16.13 13.11
CA VAL A 214 6.81 -15.29 12.61
C VAL A 214 7.89 -15.07 13.66
N TRP A 215 9.11 -14.83 13.19
CA TRP A 215 10.16 -14.28 14.05
C TRP A 215 10.80 -13.14 13.28
N ALA A 216 11.02 -12.01 13.95
CA ALA A 216 11.62 -10.86 13.30
C ALA A 216 12.77 -10.34 14.15
N ILE A 217 13.83 -9.92 13.48
CA ILE A 217 14.96 -9.29 14.15
C ILE A 217 15.31 -8.00 13.43
N GLY A 218 16.12 -7.17 14.07
CA GLY A 218 16.44 -5.89 13.47
C GLY A 218 17.62 -5.25 14.10
N LEU A 219 18.07 -4.18 13.49
CA LEU A 219 19.29 -3.53 13.87
C LEU A 219 19.22 -2.09 13.44
N ASN A 220 19.79 -1.22 14.25
CA ASN A 220 20.04 0.15 13.83
C ASN A 220 21.54 0.43 13.73
N ARG A 221 22.19 -0.22 12.77
CA ARG A 221 23.64 -0.17 12.63
C ARG A 221 24.14 1.10 12.01
N ALA A 222 23.37 1.67 11.09
CA ALA A 222 23.76 2.91 10.45
C ALA A 222 23.25 4.10 11.28
N TYR A 223 22.09 3.94 11.91
CA TYR A 223 21.54 5.01 12.72
C TYR A 223 21.04 4.48 14.07
N PRO A 224 21.95 4.27 15.04
CA PRO A 224 21.58 3.88 16.41
C PRO A 224 20.62 4.83 17.14
N VAL A 225 20.42 6.03 16.65
CA VAL A 225 19.48 6.97 17.29
C VAL A 225 18.08 6.37 17.33
N LEU A 226 17.79 5.47 16.38
CA LEU A 226 16.46 4.88 16.28
C LEU A 226 16.18 3.86 17.37
N ASP A 227 17.23 3.40 18.04
CA ASP A 227 17.08 2.45 19.15
C ASP A 227 16.12 3.02 20.20
N LYS A 228 16.45 4.22 20.67
CA LYS A 228 15.69 4.88 21.73
C LYS A 228 14.38 5.47 21.20
N ALA A 229 14.32 5.76 19.91
CA ALA A 229 13.11 6.26 19.28
C ALA A 229 12.12 5.12 19.05
N GLY A 230 12.57 3.90 19.35
CA GLY A 230 11.76 2.70 19.21
C GLY A 230 11.87 2.05 17.85
N GLU A 231 12.39 2.79 16.88
CA GLU A 231 12.34 2.40 15.48
C GLU A 231 13.45 1.45 15.02
N LEU A 232 13.39 1.08 13.74
CA LEU A 232 14.38 0.21 13.11
C LEU A 232 14.79 0.77 11.76
N GLU A 233 16.07 0.65 11.44
CA GLU A 233 16.57 1.05 10.12
C GLU A 233 16.60 -0.13 9.14
N THR A 234 16.86 -1.33 9.67
CA THR A 234 16.78 -2.54 8.85
C THR A 234 16.24 -3.67 9.72
N GLY A 235 15.38 -4.50 9.15
CA GLY A 235 14.85 -5.63 9.87
C GLY A 235 14.69 -6.81 8.93
N ALA A 236 14.62 -8.00 9.48
CA ALA A 236 14.42 -9.19 8.69
C ALA A 236 13.50 -10.15 9.42
N ALA A 237 12.77 -10.96 8.67
CA ALA A 237 11.83 -11.87 9.29
C ALA A 237 11.68 -13.17 8.54
N LEU A 238 11.42 -14.23 9.29
CA LEU A 238 11.09 -15.52 8.72
C LEU A 238 9.66 -15.82 9.13
N MET A 239 8.86 -16.32 8.19
CA MET A 239 7.47 -16.60 8.45
C MET A 239 7.09 -17.99 7.94
N GLN A 240 6.29 -18.71 8.73
CA GLN A 240 5.84 -20.02 8.33
C GLN A 240 4.36 -19.90 8.01
N LEU A 241 3.95 -20.33 6.82
CA LEU A 241 2.54 -20.24 6.43
C LEU A 241 1.77 -21.52 6.80
N GLU A 242 0.46 -21.51 6.60
CA GLU A 242 -0.44 -22.56 7.10
C GLU A 242 -0.14 -23.97 6.59
N ASP A 243 0.41 -24.08 5.37
CA ASP A 243 0.75 -25.37 4.79
C ASP A 243 2.25 -25.59 4.85
N LYS A 244 2.90 -24.84 5.73
CA LYS A 244 4.34 -24.90 5.95
C LYS A 244 5.12 -24.27 4.79
N THR A 245 4.42 -23.46 3.98
CA THR A 245 5.03 -22.56 3.00
C THR A 245 5.90 -21.61 3.79
N MET A 246 6.99 -21.17 3.17
CA MET A 246 7.91 -20.31 3.87
C MET A 246 7.90 -18.93 3.28
N ALA A 247 8.20 -17.95 4.10
CA ALA A 247 8.33 -16.58 3.60
C ALA A 247 9.44 -15.86 4.34
N ILE A 248 10.14 -15.00 3.61
CA ILE A 248 11.23 -14.21 4.18
C ILE A 248 10.97 -12.76 3.85
N LEU A 249 11.11 -11.89 4.84
CA LEU A 249 10.97 -10.45 4.62
C LEU A 249 12.25 -9.73 4.98
N VAL A 250 12.60 -8.72 4.20
CA VAL A 250 13.57 -7.73 4.67
C VAL A 250 12.91 -6.37 4.49
N ALA A 251 13.03 -5.52 5.51
CA ALA A 251 12.47 -4.17 5.44
C ALA A 251 13.57 -3.22 5.87
N GLY A 252 13.64 -2.06 5.25
CA GLY A 252 14.72 -1.17 5.56
C GLY A 252 14.43 0.24 5.13
N ARG A 253 15.27 1.17 5.59
CA ARG A 253 15.03 2.57 5.29
C ARG A 253 16.31 3.19 4.74
N ASN A 254 17.30 2.35 4.47
CA ASN A 254 18.65 2.83 4.16
C ASN A 254 19.31 2.18 2.94
N ALA A 255 18.58 2.08 1.83
CA ALA A 255 19.16 1.53 0.61
C ALA A 255 20.00 2.58 -0.11
N ALA A 256 21.25 2.24 -0.40
CA ALA A 256 22.14 3.21 -1.03
C ALA A 256 21.86 3.37 -2.53
N HIS A 257 21.21 2.39 -3.14
CA HIS A 257 21.08 2.36 -4.58
C HIS A 257 19.73 2.84 -5.09
N GLY A 258 18.85 3.22 -4.17
CA GLY A 258 17.54 3.73 -4.53
C GLY A 258 16.45 3.02 -3.77
N TYR A 259 15.31 2.82 -4.43
CA TYR A 259 14.14 2.20 -3.82
C TYR A 259 14.14 0.72 -4.21
N HIS A 260 14.42 -0.14 -3.25
CA HIS A 260 14.54 -1.56 -3.57
C HIS A 260 13.30 -2.31 -3.11
N VAL A 261 12.39 -2.56 -4.04
CA VAL A 261 11.23 -3.41 -3.76
C VAL A 261 11.32 -4.60 -4.72
N GLU A 262 11.46 -5.79 -4.15
CA GLU A 262 11.76 -6.99 -4.93
C GLU A 262 10.97 -8.12 -4.34
N THR A 263 10.39 -8.98 -5.17
CA THR A 263 9.70 -10.15 -4.67
C THR A 263 10.11 -11.38 -5.46
N GLU A 264 10.62 -12.37 -4.73
CA GLU A 264 11.05 -13.62 -5.31
C GLU A 264 10.06 -14.70 -4.92
N ILE A 265 9.66 -15.52 -5.90
CA ILE A 265 8.77 -16.63 -5.64
C ILE A 265 9.47 -17.91 -6.10
N ILE A 266 9.65 -18.84 -5.19
CA ILE A 266 10.22 -20.14 -5.51
C ILE A 266 9.11 -21.19 -5.52
N GLY A 267 9.00 -21.90 -6.63
CA GLY A 267 7.99 -22.93 -6.76
C GLY A 267 8.62 -24.29 -7.03
N THR A 268 7.78 -25.30 -7.16
CA THR A 268 8.28 -26.66 -7.35
C THR A 268 8.84 -26.87 -8.75
N LYS A 269 8.48 -25.98 -9.68
CA LYS A 269 8.84 -26.20 -11.08
C LYS A 269 9.68 -25.07 -11.64
N GLY A 270 9.94 -24.07 -10.82
CA GLY A 270 10.61 -22.88 -11.29
C GLY A 270 10.67 -21.79 -10.24
N MET A 271 11.15 -20.63 -10.64
CA MET A 271 11.42 -19.56 -9.70
C MET A 271 11.30 -18.27 -10.50
N LEU A 272 10.89 -17.20 -9.85
CA LEU A 272 10.91 -15.92 -10.53
C LEU A 272 11.24 -14.84 -9.55
N ARG A 273 11.73 -13.72 -10.08
CA ARG A 273 11.95 -12.54 -9.26
C ARG A 273 11.32 -11.34 -9.96
N ILE A 274 10.58 -10.56 -9.18
CA ILE A 274 10.01 -9.31 -9.66
C ILE A 274 10.96 -8.22 -9.17
N ALA A 275 11.61 -7.56 -10.12
CA ALA A 275 12.59 -6.50 -9.86
C ALA A 275 13.72 -6.98 -8.96
N GLN A 276 14.35 -8.08 -9.39
CA GLN A 276 15.61 -8.55 -8.83
C GLN A 276 16.52 -7.38 -8.48
N VAL A 277 16.66 -6.45 -9.42
CA VAL A 277 17.17 -5.11 -9.12
C VAL A 277 16.20 -4.07 -9.67
N PRO A 278 16.14 -2.89 -9.02
CA PRO A 278 15.12 -1.94 -9.44
C PRO A 278 15.53 -1.10 -10.65
N GLU A 279 15.57 -1.72 -11.82
CA GLU A 279 15.95 -1.03 -13.06
C GLU A 279 15.05 0.18 -13.33
N LYS A 280 15.69 1.33 -13.56
CA LYS A 280 14.95 2.58 -13.82
C LYS A 280 14.23 2.61 -15.17
N ASN A 281 14.90 2.06 -16.18
CA ASN A 281 14.45 2.14 -17.56
C ASN A 281 15.23 1.14 -18.40
N LEU A 282 15.26 1.33 -19.71
CA LEU A 282 15.96 0.38 -20.60
C LEU A 282 17.39 0.79 -20.92
N VAL A 283 17.92 1.79 -20.20
CA VAL A 283 19.25 2.31 -20.52
C VAL A 283 20.37 1.67 -19.70
N THR A 284 21.38 1.16 -20.41
CA THR A 284 22.58 0.63 -19.79
C THR A 284 23.70 1.63 -20.09
N VAL A 285 24.51 1.96 -19.08
CA VAL A 285 25.59 2.92 -19.25
C VAL A 285 26.90 2.19 -19.00
N MET A 286 27.90 2.44 -19.84
CA MET A 286 29.19 1.81 -19.66
C MET A 286 30.24 2.89 -19.54
N ASN A 287 30.92 2.93 -18.40
CA ASN A 287 32.02 3.88 -18.21
C ASN A 287 33.07 3.31 -17.28
N GLU A 288 33.86 4.19 -16.67
CA GLU A 288 34.97 3.76 -15.83
C GLU A 288 34.55 2.89 -14.63
N GLU A 289 33.31 3.01 -14.21
CA GLU A 289 32.83 2.22 -13.06
C GLU A 289 32.37 0.81 -13.44
N GLY A 290 32.27 0.55 -14.75
CA GLY A 290 31.84 -0.75 -15.24
C GLY A 290 30.55 -0.61 -16.03
N ILE A 291 29.70 -1.63 -15.96
CA ILE A 291 28.41 -1.59 -16.62
C ILE A 291 27.37 -1.16 -15.59
N ILE A 292 26.67 -0.05 -15.87
CA ILE A 292 25.74 0.54 -14.91
C ILE A 292 24.30 0.48 -15.41
N ARG A 293 23.39 0.01 -14.56
CA ARG A 293 21.95 0.17 -14.77
C ARG A 293 21.43 1.14 -13.73
N PRO A 294 20.97 2.31 -14.17
CA PRO A 294 20.40 3.26 -13.20
C PRO A 294 19.13 2.68 -12.58
N THR A 295 18.79 3.13 -11.38
CA THR A 295 17.71 2.52 -10.63
C THR A 295 16.57 3.49 -10.36
N SER A 296 15.38 2.96 -10.11
CA SER A 296 14.30 3.83 -9.68
C SER A 296 14.62 4.30 -8.26
N GLN A 297 14.24 5.54 -7.95
CA GLN A 297 14.74 6.20 -6.75
C GLN A 297 13.75 6.27 -5.60
N ASN A 298 12.47 6.17 -5.91
CA ASN A 298 11.44 6.35 -4.91
C ASN A 298 10.15 5.68 -5.35
N PHE A 299 9.23 5.52 -4.41
CA PHE A 299 7.95 4.88 -4.73
C PHE A 299 7.10 5.57 -5.82
N PRO A 300 7.08 6.92 -5.89
CA PRO A 300 6.25 7.50 -6.95
C PRO A 300 6.74 7.15 -8.33
N GLU A 301 8.04 7.02 -8.47
CA GLU A 301 8.63 6.63 -9.74
C GLU A 301 8.36 5.15 -10.03
N ARG A 302 8.68 4.30 -9.07
CA ARG A 302 8.54 2.85 -9.28
C ARG A 302 7.09 2.44 -9.52
N PHE A 303 6.18 3.00 -8.74
CA PHE A 303 4.80 2.52 -8.80
C PHE A 303 3.82 3.47 -9.45
N ALA A 304 4.34 4.35 -10.30
CA ALA A 304 3.50 5.30 -11.01
C ALA A 304 2.35 4.63 -11.77
N GLN A 305 2.70 3.59 -12.52
CA GLN A 305 1.72 2.88 -13.33
C GLN A 305 0.69 2.21 -12.42
N ALA A 306 1.17 1.56 -11.36
CA ALA A 306 0.27 0.88 -10.43
C ALA A 306 -0.72 1.83 -9.77
N PHE A 307 -0.28 3.03 -9.39
CA PHE A 307 -1.20 3.99 -8.78
C PHE A 307 -2.30 4.38 -9.76
N LEU A 308 -1.92 4.70 -10.99
CA LEU A 308 -2.90 5.04 -12.01
C LEU A 308 -3.88 3.90 -12.24
N SER A 309 -3.36 2.68 -12.34
CA SER A 309 -4.20 1.51 -12.60
C SER A 309 -5.19 1.24 -11.48
N GLU A 310 -4.75 1.35 -10.23
CA GLU A 310 -5.66 1.10 -9.11
C GLU A 310 -6.73 2.19 -9.01
N GLU A 311 -6.37 3.43 -9.35
CA GLU A 311 -7.34 4.53 -9.32
C GLU A 311 -8.40 4.30 -10.39
N GLN A 312 -7.96 3.90 -11.58
CA GLN A 312 -8.89 3.67 -12.67
C GLN A 312 -9.78 2.48 -12.37
N ALA A 313 -9.20 1.45 -11.76
CA ALA A 313 -9.99 0.28 -11.36
C ALA A 313 -11.10 0.65 -10.37
N PHE A 314 -10.78 1.55 -9.45
CA PHE A 314 -11.76 1.98 -8.46
C PHE A 314 -12.91 2.69 -9.15
N VAL A 315 -12.59 3.63 -10.04
CA VAL A 315 -13.62 4.37 -10.76
C VAL A 315 -14.47 3.44 -11.61
N ASN A 316 -13.81 2.55 -12.35
CA ASN A 316 -14.51 1.57 -13.19
C ASN A 316 -15.40 0.63 -12.39
N SER A 317 -14.96 0.24 -11.20
CA SER A 317 -15.75 -0.65 -10.32
C SER A 317 -17.10 -0.02 -9.96
N ILE A 318 -17.09 1.29 -9.76
CA ILE A 318 -18.30 2.01 -9.41
C ILE A 318 -19.21 2.10 -10.62
N LEU A 319 -18.63 2.48 -11.76
CA LEU A 319 -19.40 2.62 -13.00
C LEU A 319 -20.00 1.29 -13.44
N ASN A 320 -19.23 0.22 -13.29
CA ASN A 320 -19.64 -1.11 -13.76
C ASN A 320 -20.29 -1.98 -12.67
N ASN A 321 -20.40 -1.45 -11.46
CA ASN A 321 -20.91 -2.21 -10.30
C ASN A 321 -20.26 -3.58 -10.19
N GLN A 322 -18.93 -3.59 -10.17
CA GLN A 322 -18.21 -4.84 -10.04
C GLN A 322 -17.10 -4.70 -9.01
N ASP A 323 -17.10 -5.56 -8.00
CA ASP A 323 -16.09 -5.52 -6.94
C ASP A 323 -14.70 -5.84 -7.47
N VAL A 324 -13.69 -5.18 -6.91
CA VAL A 324 -12.31 -5.33 -7.38
C VAL A 324 -11.59 -6.55 -6.77
N GLY A 325 -11.96 -6.90 -5.54
CA GLY A 325 -11.41 -8.09 -4.91
C GLY A 325 -10.43 -7.82 -3.79
N ILE A 326 -10.24 -6.54 -3.44
CA ILE A 326 -9.35 -6.18 -2.34
C ILE A 326 -10.20 -5.73 -1.16
N THR A 327 -10.28 -6.60 -0.16
CA THR A 327 -11.30 -6.48 0.88
C THR A 327 -10.77 -5.96 2.21
N ALA A 328 -11.69 -5.68 3.13
CA ALA A 328 -11.33 -5.31 4.49
C ALA A 328 -10.55 -6.44 5.15
N GLU A 329 -10.88 -7.68 4.78
CA GLU A 329 -10.17 -8.83 5.33
C GLU A 329 -8.70 -8.82 4.91
N ASP A 330 -8.44 -8.41 3.68
CA ASP A 330 -7.07 -8.27 3.21
C ASP A 330 -6.36 -7.23 4.06
N GLY A 331 -7.08 -6.15 4.38
CA GLY A 331 -6.57 -5.13 5.28
C GLY A 331 -6.30 -5.64 6.67
N LEU A 332 -7.29 -6.32 7.26
CA LEU A 332 -7.14 -6.89 8.59
C LEU A 332 -5.90 -7.78 8.70
N GLN A 333 -5.77 -8.73 7.78
CA GLN A 333 -4.66 -9.68 7.83
C GLN A 333 -3.32 -9.00 7.63
N GLY A 334 -3.29 -7.98 6.78
CA GLY A 334 -2.08 -7.18 6.62
C GLY A 334 -1.62 -6.57 7.93
N THR A 335 -2.52 -5.89 8.62
CA THR A 335 -2.18 -5.24 9.87
C THR A 335 -1.82 -6.25 10.97
N LYS A 336 -2.53 -7.37 11.01
CA LYS A 336 -2.30 -8.34 12.08
C LYS A 336 -0.92 -8.98 11.95
N ALA A 337 -0.56 -9.36 10.73
CA ALA A 337 0.77 -9.95 10.48
C ALA A 337 1.87 -8.96 10.81
N ALA A 338 1.68 -7.69 10.45
CA ALA A 338 2.65 -6.66 10.76
C ALA A 338 2.78 -6.45 12.27
N LEU A 339 1.65 -6.46 12.99
CA LEU A 339 1.69 -6.38 14.45
C LEU A 339 2.44 -7.57 15.04
N ALA A 340 2.20 -8.75 14.48
CA ALA A 340 2.91 -9.97 14.92
C ALA A 340 4.41 -9.86 14.71
N LEU A 341 4.82 -9.31 13.57
CA LEU A 341 6.24 -9.09 13.29
C LEU A 341 6.84 -8.12 14.29
N GLN A 342 6.07 -7.08 14.62
CA GLN A 342 6.51 -6.08 15.59
C GLN A 342 6.70 -6.70 16.97
N GLU A 343 5.73 -7.53 17.35
CA GLU A 343 5.76 -8.17 18.66
C GLU A 343 6.92 -9.15 18.73
N ALA A 344 7.10 -9.91 17.65
CA ALA A 344 8.21 -10.86 17.56
C ALA A 344 9.55 -10.15 17.67
N PHE A 345 9.65 -8.98 17.05
CA PHE A 345 10.87 -8.20 17.17
C PHE A 345 11.12 -7.72 18.61
N GLU A 346 10.10 -7.15 19.23
CA GLU A 346 10.24 -6.63 20.58
C GLU A 346 10.56 -7.72 21.61
N LYS A 347 9.93 -8.88 21.48
CA LYS A 347 10.17 -9.99 22.40
C LYS A 347 11.41 -10.78 22.03
N ASN A 348 11.90 -10.56 20.80
CA ASN A 348 12.90 -11.44 20.18
C ASN A 348 12.54 -12.92 20.34
N ASP A 349 11.35 -13.29 19.87
CA ASP A 349 10.85 -14.65 19.97
C ASP A 349 9.81 -14.87 18.88
N ILE A 350 9.47 -16.14 18.64
CA ILE A 350 8.45 -16.49 17.68
C ILE A 350 7.07 -16.08 18.19
N VAL A 351 6.27 -15.49 17.31
CA VAL A 351 4.91 -15.08 17.67
C VAL A 351 3.91 -15.73 16.71
N GLN A 352 2.80 -16.24 17.22
CA GLN A 352 1.74 -16.76 16.37
C GLN A 352 0.83 -15.61 15.98
N VAL A 353 0.57 -15.45 14.68
CA VAL A 353 -0.19 -14.31 14.18
C VAL A 353 -1.61 -14.31 14.74
N ALA A 354 -2.22 -15.49 14.83
CA ALA A 354 -3.62 -15.60 15.26
C ALA A 354 -3.82 -15.26 16.74
N SER A 355 -2.74 -15.16 17.49
CA SER A 355 -2.83 -14.84 18.92
C SER A 355 -2.72 -13.34 19.16
#